data_3NSN
#
_entry.id   3NSN
#
_cell.length_a   108.500
_cell.length_b   108.500
_cell.length_c   175.570
_cell.angle_alpha   90.00
_cell.angle_beta   90.00
_cell.angle_gamma   120.00
#
_symmetry.space_group_name_H-M   'P 32 2 1'
#
loop_
_entity.id
_entity.type
_entity.pdbx_description
1 polymer N-acetylglucosaminidase
2 branched 2-deoxy-2-(trimethylammonio)-beta-D-glucopyranose-(1-4)-2-acetamido-2-deoxy-beta-D-glucopyranose-(1-4)-2-acetamido-2-deoxy-beta-D-glucopyranose-(1-4)-2-acetamido-2-deoxy-beta-D-glucopyranose
3 water water
#
_entity_poly.entity_id   1
_entity_poly.type   'polypeptide(L)'
_entity_poly.pdbx_seq_one_letter_code
;EDVVWRWSCDNGKCVKLKNDPRSSEPALSLEACKMFCNEYGLLWPRPTGEADLGNFLSKINLNSIEVKILKKGATDDLME
AAAKRFKEQVSLAIPRGSTPKLTGKAVDVYLVNENPNEKAFSLEMDESYGLRVSPSGADRVNATITANSFFGMRHGLETL
SQLFVFDDIRDHLLMVRDVNISDKPVYPYRGILLDTARNYYSIESIKRTIEAMAAVKLNTFHWHITDSQSFPFVTTKRPN
LYKFGALSPQKVYTKAAIREVVRFGLERGVRVLPEFDAPAHVGEGWQDTDLTVCFKAEPWKSYCVEPPCGQLNPTKDELY
QYLEDIYSDMAEVFDTTDIFHMGGDEVSEACWNSSDSIQNFMMQNRWDLDKESFLKLWNYFQQKAQDKAYKAFGKKLPLI
LWTSTLTNYKHIDDYLNKDDYIIQVWTTGVDPQIKGLLEKGYRLIMSNYDALYFDCGYGAWVGAGNNWCSPYIGWQKVYD
NSPAVIALEHRDQVLGGEAALWSEQSDTSTLDGRLWPRAAALAERLWAEPATSWQDAEYRMLHIRERLVRMGIQAESLQP
EWCYQNEGYCYS
;
_entity_poly.pdbx_strand_id   A
#
# COMPACT_ATOMS: atom_id res chain seq x y z
N GLU A 1 19.43 -32.60 -11.52
CA GLU A 1 19.58 -32.69 -12.96
C GLU A 1 19.09 -31.49 -13.81
N ASP A 2 18.53 -31.73 -14.98
CA ASP A 2 18.24 -30.69 -15.95
C ASP A 2 16.79 -30.66 -16.33
N VAL A 3 16.25 -29.49 -16.66
CA VAL A 3 14.90 -29.47 -17.11
C VAL A 3 14.72 -30.24 -18.39
N VAL A 4 13.67 -31.00 -18.36
CA VAL A 4 13.25 -31.91 -19.36
C VAL A 4 12.22 -31.43 -20.33
N TRP A 5 11.59 -30.30 -20.05
CA TRP A 5 10.47 -29.81 -20.79
C TRP A 5 10.78 -28.47 -21.50
N ARG A 6 9.94 -28.13 -22.44
CA ARG A 6 10.01 -26.87 -23.15
C ARG A 6 8.60 -26.37 -23.33
N TRP A 7 8.45 -25.11 -23.71
CA TRP A 7 7.16 -24.52 -23.83
C TRP A 7 6.93 -23.81 -25.14
N SER A 8 5.71 -23.83 -25.63
CA SER A 8 5.39 -23.22 -26.90
C SER A 8 4.07 -22.51 -26.86
N CYS A 9 4.06 -21.31 -27.39
CA CYS A 9 2.88 -20.48 -27.38
C CYS A 9 1.83 -20.97 -28.36
N ASP A 10 0.63 -21.19 -27.90
CA ASP A 10 -0.46 -21.58 -28.72
C ASP A 10 -1.71 -20.89 -28.20
N ASN A 11 -2.24 -19.97 -28.99
CA ASN A 11 -3.43 -19.21 -28.66
C ASN A 11 -3.35 -18.44 -27.34
N GLY A 12 -2.19 -17.87 -27.03
CA GLY A 12 -1.99 -17.16 -25.78
C GLY A 12 -1.64 -17.96 -24.54
N LYS A 13 -1.53 -19.26 -24.68
CA LYS A 13 -1.16 -20.14 -23.60
C LYS A 13 0.14 -20.87 -23.90
N CYS A 14 1.05 -20.91 -22.96
CA CYS A 14 2.31 -21.63 -23.12
C CYS A 14 2.13 -23.09 -22.78
N VAL A 15 2.29 -23.96 -23.77
CA VAL A 15 2.04 -25.36 -23.55
C VAL A 15 3.29 -26.18 -23.38
N LYS A 16 3.30 -27.02 -22.37
CA LYS A 16 4.44 -27.79 -22.03
C LYS A 16 4.56 -28.94 -22.99
N LEU A 17 5.73 -29.05 -23.60
CA LEU A 17 6.03 -30.06 -24.58
C LEU A 17 7.35 -30.70 -24.28
N LYS A 18 7.48 -31.95 -24.62
CA LYS A 18 8.71 -32.61 -24.34
C LYS A 18 9.82 -31.98 -25.15
N ASN A 19 10.99 -31.78 -24.55
CA ASN A 19 12.12 -31.22 -25.25
C ASN A 19 12.92 -32.31 -25.93
N ASP A 20 12.39 -32.79 -27.04
CA ASP A 20 12.96 -33.90 -27.78
C ASP A 20 14.19 -33.48 -28.54
N PRO A 21 15.22 -34.28 -28.50
CA PRO A 21 16.50 -33.98 -29.16
C PRO A 21 16.50 -33.86 -30.68
N ARG A 22 15.65 -34.58 -31.35
CA ARG A 22 15.59 -34.55 -32.75
C ARG A 22 14.76 -33.41 -33.24
N SER A 23 15.22 -32.21 -32.96
CA SER A 23 14.54 -31.02 -33.37
C SER A 23 15.51 -29.92 -33.80
N SER A 24 15.15 -29.16 -34.80
CA SER A 24 15.93 -28.01 -35.24
C SER A 24 15.44 -26.69 -34.66
N GLU A 25 14.38 -26.74 -33.92
CA GLU A 25 13.82 -25.55 -33.34
C GLU A 25 14.36 -25.34 -31.89
N PRO A 26 14.86 -24.17 -31.62
CA PRO A 26 15.38 -23.89 -30.29
C PRO A 26 14.27 -23.93 -29.25
N ALA A 27 14.50 -24.68 -28.18
CA ALA A 27 13.56 -24.82 -27.09
C ALA A 27 13.39 -23.56 -26.24
N LEU A 28 12.17 -23.25 -25.87
CA LEU A 28 11.90 -22.14 -25.00
C LEU A 28 11.62 -22.57 -23.59
N SER A 29 12.26 -21.89 -22.65
CA SER A 29 12.06 -22.09 -21.24
C SER A 29 10.70 -21.47 -20.89
N LEU A 30 10.16 -21.76 -19.74
CA LEU A 30 8.82 -21.33 -19.41
C LEU A 30 8.61 -19.79 -19.39
N GLU A 31 9.46 -19.06 -18.70
CA GLU A 31 9.40 -17.60 -18.63
C GLU A 31 9.62 -16.91 -19.97
N ALA A 32 10.52 -17.44 -20.75
CA ALA A 32 10.79 -16.96 -22.09
C ALA A 32 9.59 -17.11 -22.96
N CYS A 33 8.88 -18.21 -22.85
CA CYS A 33 7.63 -18.35 -23.55
C CYS A 33 6.57 -17.39 -23.06
N LYS A 34 6.41 -17.26 -21.76
CA LYS A 34 5.41 -16.39 -21.18
C LYS A 34 5.63 -14.92 -21.60
N MET A 35 6.87 -14.54 -21.74
CA MET A 35 7.22 -13.16 -22.03
C MET A 35 6.61 -12.65 -23.31
N PHE A 36 6.51 -13.50 -24.33
CA PHE A 36 5.94 -13.12 -25.60
C PHE A 36 4.61 -13.74 -25.88
N CYS A 37 4.30 -14.84 -25.25
CA CYS A 37 3.01 -15.39 -25.37
C CYS A 37 1.96 -14.49 -24.75
N ASN A 38 2.28 -13.87 -23.64
CA ASN A 38 1.34 -13.01 -22.92
C ASN A 38 1.24 -11.63 -23.53
N GLU A 39 0.06 -11.04 -23.50
CA GLU A 39 -0.14 -9.73 -24.10
C GLU A 39 0.76 -8.69 -23.47
N TYR A 40 0.94 -8.74 -22.16
CA TYR A 40 1.82 -7.87 -21.39
C TYR A 40 3.04 -8.57 -20.86
N GLY A 41 3.28 -9.76 -21.34
CA GLY A 41 4.43 -10.51 -20.93
C GLY A 41 4.49 -10.84 -19.45
N LEU A 42 5.59 -10.50 -18.82
CA LEU A 42 5.76 -10.69 -17.40
C LEU A 42 5.57 -9.42 -16.47
N LEU A 43 5.11 -8.33 -17.04
CA LEU A 43 4.98 -7.09 -16.32
C LEU A 43 3.85 -7.06 -15.32
N TRP A 44 4.07 -6.46 -14.17
CA TRP A 44 3.02 -6.15 -13.25
C TRP A 44 3.34 -4.92 -12.42
N PRO A 45 2.53 -3.90 -12.43
CA PRO A 45 1.35 -3.81 -13.29
C PRO A 45 1.71 -3.59 -14.75
N ARG A 46 0.78 -3.91 -15.62
CA ARG A 46 0.89 -3.58 -17.01
C ARG A 46 0.84 -2.05 -17.14
N PRO A 47 1.59 -1.53 -18.08
CA PRO A 47 1.64 -0.10 -18.41
C PRO A 47 0.38 0.44 -19.07
N THR A 48 0.19 1.74 -18.95
CA THR A 48 -0.98 2.42 -19.46
C THR A 48 -0.76 3.03 -20.83
N GLY A 49 0.49 3.25 -21.16
CA GLY A 49 0.89 3.89 -22.39
C GLY A 49 1.32 2.90 -23.42
N GLU A 50 2.48 3.11 -24.01
CA GLU A 50 3.03 2.17 -24.97
C GLU A 50 3.53 0.94 -24.25
N ALA A 51 3.18 -0.21 -24.79
CA ALA A 51 3.66 -1.43 -24.22
C ALA A 51 4.20 -2.36 -25.28
N ASP A 52 5.24 -1.92 -25.97
CA ASP A 52 5.83 -2.71 -27.02
C ASP A 52 7.03 -3.46 -26.52
N LEU A 53 6.92 -4.76 -26.45
CA LEU A 53 8.00 -5.62 -26.06
C LEU A 53 8.76 -6.33 -27.21
N GLY A 54 8.40 -6.10 -28.45
CA GLY A 54 9.15 -6.72 -29.51
C GLY A 54 8.93 -8.21 -29.56
N ASN A 55 9.84 -8.91 -30.21
CA ASN A 55 9.79 -10.35 -30.32
C ASN A 55 11.00 -11.12 -29.85
N PHE A 56 12.04 -10.49 -29.37
CA PHE A 56 13.22 -11.23 -29.03
C PHE A 56 13.85 -10.93 -27.69
N LEU A 57 14.74 -11.80 -27.30
CA LEU A 57 15.48 -11.77 -26.07
C LEU A 57 16.96 -11.77 -26.37
N SER A 58 17.73 -11.15 -25.51
CA SER A 58 19.16 -11.17 -25.68
C SER A 58 19.77 -11.66 -24.44
N LYS A 59 20.86 -12.38 -24.58
CA LYS A 59 21.62 -12.87 -23.48
C LYS A 59 22.46 -11.76 -22.85
N ILE A 60 22.54 -11.73 -21.52
CA ILE A 60 23.14 -10.65 -20.83
C ILE A 60 24.09 -11.13 -19.80
N ASN A 61 25.15 -10.40 -19.56
CA ASN A 61 26.10 -10.72 -18.51
C ASN A 61 25.73 -9.91 -17.30
N LEU A 62 25.43 -10.61 -16.23
CA LEU A 62 24.95 -10.06 -15.00
C LEU A 62 25.95 -9.12 -14.37
N ASN A 63 27.22 -9.46 -14.47
CA ASN A 63 28.29 -8.68 -13.91
C ASN A 63 28.64 -7.42 -14.70
N SER A 64 27.99 -7.23 -15.82
CA SER A 64 28.25 -6.14 -16.72
C SER A 64 27.12 -5.16 -16.87
N ILE A 65 26.34 -4.96 -15.82
CA ILE A 65 25.29 -4.00 -15.87
C ILE A 65 25.76 -2.74 -15.16
N GLU A 66 25.67 -1.64 -15.84
CA GLU A 66 26.09 -0.39 -15.27
C GLU A 66 25.08 0.70 -15.40
N VAL A 67 24.84 1.41 -14.32
CA VAL A 67 23.82 2.43 -14.30
C VAL A 67 24.40 3.83 -14.35
N LYS A 68 23.95 4.68 -15.24
CA LYS A 68 24.45 6.03 -15.31
C LYS A 68 23.41 7.10 -15.12
N ILE A 69 23.65 7.99 -14.17
CA ILE A 69 22.75 9.10 -13.88
C ILE A 69 23.12 10.32 -14.69
N LEU A 70 22.30 10.66 -15.64
CA LEU A 70 22.56 11.78 -16.48
C LEU A 70 22.42 13.19 -15.90
N LYS A 71 21.41 13.44 -15.10
CA LYS A 71 21.20 14.74 -14.51
C LYS A 71 21.27 14.74 -13.00
N LYS A 72 22.21 15.50 -12.45
CA LYS A 72 22.40 15.59 -11.03
C LYS A 72 21.48 16.60 -10.39
N GLY A 73 21.33 16.48 -9.08
CA GLY A 73 20.39 17.30 -8.36
C GLY A 73 20.28 16.97 -6.89
N ALA A 74 19.26 17.52 -6.27
CA ALA A 74 19.04 17.30 -4.86
C ALA A 74 18.71 15.84 -4.53
N THR A 75 18.18 15.12 -5.50
CA THR A 75 17.77 13.75 -5.35
C THR A 75 18.89 12.79 -5.64
N ASP A 76 20.10 13.29 -5.59
CA ASP A 76 21.23 12.49 -6.00
C ASP A 76 21.40 11.27 -5.17
N ASP A 77 21.27 11.41 -3.87
CA ASP A 77 21.42 10.31 -2.96
C ASP A 77 20.36 9.24 -3.17
N LEU A 78 19.14 9.66 -3.42
CA LEU A 78 18.08 8.77 -3.74
C LEU A 78 18.29 8.05 -5.07
N MET A 79 18.66 8.79 -6.10
CA MET A 79 18.90 8.23 -7.39
C MET A 79 20.02 7.25 -7.28
N GLU A 80 21.06 7.58 -6.55
CA GLU A 80 22.16 6.69 -6.32
C GLU A 80 21.77 5.43 -5.54
N ALA A 81 20.95 5.56 -4.53
CA ALA A 81 20.53 4.40 -3.80
C ALA A 81 19.75 3.48 -4.70
N ALA A 82 18.87 4.06 -5.50
CA ALA A 82 17.99 3.32 -6.38
C ALA A 82 18.76 2.56 -7.42
N ALA A 83 19.79 3.16 -7.95
CA ALA A 83 20.64 2.54 -8.92
C ALA A 83 21.34 1.36 -8.33
N LYS A 84 21.82 1.51 -7.13
CA LYS A 84 22.48 0.43 -6.46
C LYS A 84 21.57 -0.74 -6.29
N ARG A 85 20.33 -0.51 -5.99
CA ARG A 85 19.45 -1.60 -5.79
C ARG A 85 19.10 -2.39 -7.02
N PHE A 86 19.35 -1.79 -8.17
CA PHE A 86 18.91 -2.31 -9.44
C PHE A 86 19.50 -3.64 -9.72
N LYS A 87 20.75 -3.87 -9.36
CA LYS A 87 21.36 -5.15 -9.64
C LYS A 87 20.67 -6.23 -8.89
N GLU A 88 20.37 -5.98 -7.63
CA GLU A 88 19.67 -6.93 -6.81
C GLU A 88 18.35 -7.23 -7.42
N GLN A 89 17.66 -6.24 -7.95
CA GLN A 89 16.38 -6.46 -8.55
C GLN A 89 16.51 -7.38 -9.77
N VAL A 90 17.54 -7.20 -10.57
CA VAL A 90 17.75 -8.05 -11.70
C VAL A 90 17.99 -9.48 -11.25
N SER A 91 18.72 -9.72 -10.19
CA SER A 91 18.96 -11.06 -9.73
C SER A 91 17.70 -11.83 -9.33
N LEU A 92 16.61 -11.12 -9.12
CA LEU A 92 15.35 -11.72 -8.76
C LEU A 92 14.81 -12.58 -9.87
N ALA A 93 15.30 -12.34 -11.07
CA ALA A 93 14.91 -13.11 -12.23
C ALA A 93 15.37 -14.54 -12.10
N ILE A 94 16.40 -14.74 -11.29
CA ILE A 94 17.10 -15.99 -11.14
C ILE A 94 16.70 -16.72 -9.90
N PRO A 95 16.21 -17.93 -10.04
CA PRO A 95 15.81 -18.73 -8.89
C PRO A 95 16.94 -19.05 -7.92
N ARG A 96 16.69 -18.98 -6.62
CA ARG A 96 17.73 -19.22 -5.61
C ARG A 96 18.33 -20.62 -5.77
N GLY A 97 19.65 -20.68 -5.76
CA GLY A 97 20.38 -21.90 -6.00
C GLY A 97 20.72 -22.14 -7.45
N SER A 98 20.44 -21.16 -8.30
CA SER A 98 20.72 -21.22 -9.70
C SER A 98 21.74 -20.16 -10.05
N THR A 99 22.69 -20.48 -10.90
CA THR A 99 23.68 -19.51 -11.35
C THR A 99 23.72 -19.39 -12.83
N PRO A 100 23.59 -18.17 -13.32
CA PRO A 100 23.71 -17.86 -14.72
C PRO A 100 25.14 -17.90 -15.22
N LYS A 101 25.33 -18.23 -16.48
CA LYS A 101 26.63 -18.15 -17.06
C LYS A 101 26.98 -16.70 -17.30
N LEU A 102 28.18 -16.32 -16.91
CA LEU A 102 28.61 -14.94 -17.01
C LEU A 102 29.14 -14.61 -18.41
N THR A 103 28.24 -14.49 -19.36
CA THR A 103 28.56 -14.25 -20.74
C THR A 103 27.42 -13.47 -21.26
N GLY A 104 27.56 -12.95 -22.45
CA GLY A 104 26.55 -12.14 -23.06
C GLY A 104 26.89 -10.67 -23.10
N LYS A 105 25.91 -9.87 -23.47
CA LYS A 105 26.03 -8.44 -23.59
C LYS A 105 26.08 -7.66 -22.28
N ALA A 106 26.70 -6.50 -22.34
CA ALA A 106 26.73 -5.56 -21.24
C ALA A 106 25.59 -4.60 -21.36
N VAL A 107 25.04 -4.19 -20.24
CA VAL A 107 23.88 -3.35 -20.27
C VAL A 107 24.20 -2.00 -19.70
N ASP A 108 23.91 -0.96 -20.45
CA ASP A 108 24.06 0.38 -19.97
C ASP A 108 22.69 0.93 -19.68
N VAL A 109 22.47 1.34 -18.45
CA VAL A 109 21.21 1.94 -18.08
C VAL A 109 21.41 3.41 -17.82
N TYR A 110 20.69 4.23 -18.56
CA TYR A 110 20.78 5.65 -18.45
C TYR A 110 19.57 6.23 -17.75
N LEU A 111 19.79 6.91 -16.65
CA LEU A 111 18.70 7.52 -15.93
C LEU A 111 18.64 8.99 -16.18
N VAL A 112 17.52 9.45 -16.71
CA VAL A 112 17.28 10.84 -16.99
C VAL A 112 16.13 11.40 -16.17
N ASN A 113 16.47 12.09 -15.11
CA ASN A 113 15.51 12.74 -14.23
C ASN A 113 15.47 14.22 -14.59
N GLU A 114 14.38 14.63 -15.20
CA GLU A 114 14.16 15.96 -15.67
C GLU A 114 14.02 17.05 -14.65
N ASN A 115 13.64 16.74 -13.42
CA ASN A 115 13.59 17.69 -12.33
C ASN A 115 14.24 17.09 -11.10
N PRO A 116 15.54 16.99 -11.15
CA PRO A 116 16.34 16.28 -10.17
C PRO A 116 16.34 16.86 -8.79
N ASN A 117 15.77 18.02 -8.55
CA ASN A 117 15.67 18.56 -7.22
C ASN A 117 14.38 18.13 -6.54
N GLU A 118 13.45 17.57 -7.27
CA GLU A 118 12.16 17.28 -6.70
C GLU A 118 12.09 15.99 -5.92
N LYS A 119 11.70 16.05 -4.67
CA LYS A 119 11.56 14.87 -3.85
C LYS A 119 10.46 14.87 -2.81
N ALA A 120 9.51 15.78 -2.91
CA ALA A 120 8.37 15.82 -2.02
C ALA A 120 7.18 15.00 -2.51
N PHE A 121 6.48 14.36 -1.60
CA PHE A 121 5.30 13.61 -1.91
C PHE A 121 4.18 14.64 -2.00
N SER A 122 3.27 14.46 -2.93
CA SER A 122 2.07 15.22 -3.07
C SER A 122 1.09 14.45 -3.93
N LEU A 123 -0.17 14.78 -3.81
CA LEU A 123 -1.21 14.19 -4.61
C LEU A 123 -1.04 14.55 -6.09
N GLU A 124 -0.27 15.59 -6.32
CA GLU A 124 -0.03 16.14 -7.62
C GLU A 124 1.31 15.77 -8.24
N MET A 125 2.09 14.92 -7.61
CA MET A 125 3.40 14.55 -8.10
C MET A 125 3.35 13.75 -9.39
N ASP A 126 4.37 13.87 -10.19
CA ASP A 126 4.41 13.22 -11.48
C ASP A 126 5.17 11.89 -11.40
N GLU A 127 4.43 10.79 -11.46
CA GLU A 127 4.97 9.43 -11.33
C GLU A 127 5.16 8.76 -12.69
N SER A 128 5.15 9.57 -13.73
CA SER A 128 5.26 9.10 -15.10
C SER A 128 6.67 8.82 -15.56
N TYR A 129 6.81 7.99 -16.57
CA TYR A 129 8.11 7.67 -17.09
C TYR A 129 8.05 7.09 -18.51
N GLY A 130 9.18 7.12 -19.17
CA GLY A 130 9.34 6.57 -20.47
C GLY A 130 10.49 5.61 -20.40
N LEU A 131 10.33 4.46 -21.03
CA LEU A 131 11.37 3.45 -21.05
C LEU A 131 11.61 2.89 -22.44
N ARG A 132 12.85 2.91 -22.86
CA ARG A 132 13.25 2.41 -24.16
C ARG A 132 14.46 1.51 -24.02
N VAL A 133 14.36 0.34 -24.63
CA VAL A 133 15.46 -0.59 -24.62
C VAL A 133 15.80 -0.95 -26.05
N SER A 134 17.06 -0.87 -26.42
CA SER A 134 17.48 -1.23 -27.74
C SER A 134 18.94 -1.62 -27.77
N PRO A 135 19.32 -2.39 -28.76
CA PRO A 135 20.72 -2.76 -28.91
C PRO A 135 21.65 -1.58 -29.18
N SER A 136 22.81 -1.62 -28.58
CA SER A 136 23.80 -0.61 -28.76
C SER A 136 25.13 -1.20 -29.23
N GLY A 137 25.46 -0.86 -30.46
CA GLY A 137 26.63 -1.37 -31.10
C GLY A 137 26.57 -2.85 -31.27
N ALA A 138 27.63 -3.53 -30.94
CA ALA A 138 27.71 -4.95 -31.14
C ALA A 138 27.58 -5.84 -29.92
N ASP A 139 28.11 -5.40 -28.79
CA ASP A 139 28.12 -6.18 -27.59
C ASP A 139 27.42 -5.59 -26.39
N ARG A 140 26.47 -4.70 -26.64
CA ARG A 140 25.81 -4.06 -25.55
C ARG A 140 24.43 -3.56 -25.81
N VAL A 141 23.77 -3.13 -24.74
CA VAL A 141 22.38 -2.72 -24.73
C VAL A 141 22.16 -1.31 -24.16
N ASN A 142 21.27 -0.55 -24.74
CA ASN A 142 20.98 0.75 -24.22
C ASN A 142 19.61 0.73 -23.62
N ALA A 143 19.56 0.88 -22.32
CA ALA A 143 18.32 0.99 -21.62
C ALA A 143 18.16 2.43 -21.09
N THR A 144 17.18 3.14 -21.61
CA THR A 144 16.99 4.52 -21.21
C THR A 144 15.69 4.80 -20.51
N ILE A 145 15.80 5.36 -19.32
CA ILE A 145 14.63 5.71 -18.53
C ILE A 145 14.52 7.20 -18.42
N THR A 146 13.43 7.73 -18.88
CA THR A 146 13.27 9.15 -18.84
C THR A 146 12.04 9.52 -18.07
N ALA A 147 12.23 10.33 -17.05
CA ALA A 147 11.13 10.75 -16.18
C ALA A 147 11.15 12.19 -15.66
N ASN A 148 9.98 12.74 -15.38
CA ASN A 148 9.83 14.07 -14.83
C ASN A 148 10.31 14.28 -13.39
N SER A 149 10.48 13.20 -12.65
CA SER A 149 10.91 13.22 -11.26
C SER A 149 11.53 11.87 -10.86
N PHE A 150 12.14 11.85 -9.68
CA PHE A 150 12.75 10.68 -9.13
C PHE A 150 11.73 9.57 -8.94
N PHE A 151 10.53 9.91 -8.53
CA PHE A 151 9.53 8.89 -8.32
C PHE A 151 9.17 8.16 -9.60
N GLY A 152 9.02 8.89 -10.69
CA GLY A 152 8.80 8.27 -11.96
C GLY A 152 9.98 7.43 -12.40
N MET A 153 11.14 7.93 -12.13
CA MET A 153 12.35 7.28 -12.52
C MET A 153 12.50 5.93 -11.82
N ARG A 154 12.19 5.89 -10.53
CA ARG A 154 12.28 4.68 -9.76
C ARG A 154 11.27 3.67 -10.18
N HIS A 155 10.11 4.12 -10.55
CA HIS A 155 9.11 3.25 -11.10
C HIS A 155 9.65 2.60 -12.36
N GLY A 156 10.31 3.35 -13.22
CA GLY A 156 10.92 2.84 -14.42
C GLY A 156 11.99 1.81 -14.21
N LEU A 157 12.82 2.00 -13.20
CA LEU A 157 13.78 1.05 -12.87
C LEU A 157 13.03 -0.24 -12.52
N GLU A 158 11.92 -0.14 -11.80
CA GLU A 158 11.14 -1.30 -11.40
C GLU A 158 10.64 -2.06 -12.62
N THR A 159 10.10 -1.37 -13.59
CA THR A 159 9.67 -1.97 -14.82
C THR A 159 10.82 -2.60 -15.58
N LEU A 160 11.92 -1.92 -15.67
CA LEU A 160 13.04 -2.48 -16.34
C LEU A 160 13.56 -3.79 -15.74
N SER A 161 13.57 -3.92 -14.44
CA SER A 161 14.00 -5.13 -13.82
C SER A 161 13.08 -6.28 -14.19
N GLN A 162 11.84 -5.98 -14.46
CA GLN A 162 10.89 -7.00 -14.82
C GLN A 162 11.11 -7.57 -16.23
N LEU A 163 11.99 -6.93 -16.98
CA LEU A 163 12.26 -7.27 -18.36
C LEU A 163 13.36 -8.28 -18.54
N PHE A 164 13.80 -8.86 -17.46
CA PHE A 164 14.82 -9.86 -17.42
C PHE A 164 14.18 -11.18 -17.11
N VAL A 165 14.66 -12.22 -17.75
CA VAL A 165 14.20 -13.57 -17.56
C VAL A 165 15.34 -14.56 -17.49
N PHE A 166 15.23 -15.55 -16.64
CA PHE A 166 16.25 -16.56 -16.57
C PHE A 166 15.85 -17.81 -17.35
N ASP A 167 16.72 -18.27 -18.22
CA ASP A 167 16.52 -19.48 -18.98
C ASP A 167 17.16 -20.55 -18.16
N ASP A 168 16.33 -21.33 -17.53
CA ASP A 168 16.79 -22.43 -16.74
C ASP A 168 17.09 -23.71 -17.55
N ILE A 169 16.70 -23.73 -18.81
CA ILE A 169 17.19 -24.75 -19.71
C ILE A 169 18.68 -24.56 -20.02
N ARG A 170 19.09 -23.36 -20.39
CA ARG A 170 20.46 -23.09 -20.70
C ARG A 170 21.35 -22.48 -19.61
N ASP A 171 20.74 -22.04 -18.53
CA ASP A 171 21.34 -21.20 -17.51
C ASP A 171 21.83 -19.82 -18.00
N HIS A 172 21.00 -19.17 -18.79
CA HIS A 172 21.30 -17.90 -19.36
C HIS A 172 20.38 -16.86 -18.81
N LEU A 173 20.92 -15.70 -18.50
CA LEU A 173 20.14 -14.54 -18.14
C LEU A 173 19.82 -13.76 -19.39
N LEU A 174 18.57 -13.45 -19.59
CA LEU A 174 18.10 -12.87 -20.81
C LEU A 174 17.38 -11.57 -20.59
N MET A 175 17.28 -10.77 -21.62
CA MET A 175 16.64 -9.49 -21.55
C MET A 175 15.86 -9.21 -22.82
N VAL A 176 14.71 -8.61 -22.69
CA VAL A 176 13.91 -8.27 -23.84
C VAL A 176 14.66 -7.26 -24.71
N ARG A 177 14.82 -7.60 -25.98
CA ARG A 177 15.65 -6.86 -26.88
C ARG A 177 15.27 -5.47 -27.27
N ASP A 178 14.06 -5.29 -27.72
CA ASP A 178 13.60 -4.01 -28.11
C ASP A 178 12.36 -3.65 -27.34
N VAL A 179 12.44 -2.63 -26.53
CA VAL A 179 11.34 -2.21 -25.69
C VAL A 179 10.97 -0.76 -25.92
N ASN A 180 9.70 -0.49 -26.10
CA ASN A 180 9.17 0.84 -26.00
C ASN A 180 7.96 0.93 -25.07
N ILE A 181 8.18 1.54 -23.93
CA ILE A 181 7.16 1.69 -22.94
C ILE A 181 7.01 3.12 -22.44
N SER A 182 5.79 3.56 -22.29
CA SER A 182 5.46 4.80 -21.60
C SER A 182 4.30 4.55 -20.65
N ASP A 183 4.40 5.11 -19.46
CA ASP A 183 3.51 4.75 -18.38
C ASP A 183 3.25 5.87 -17.40
N LYS A 184 2.08 5.87 -16.80
CA LYS A 184 1.77 6.68 -15.64
C LYS A 184 0.55 6.16 -14.90
N PRO A 185 0.54 6.28 -13.59
CA PRO A 185 -0.59 5.79 -12.81
C PRO A 185 -1.87 6.57 -12.99
N VAL A 186 -2.97 5.86 -13.00
CA VAL A 186 -4.29 6.42 -13.07
C VAL A 186 -4.67 7.20 -11.82
N TYR A 187 -4.37 6.64 -10.67
CA TYR A 187 -4.61 7.24 -9.37
C TYR A 187 -3.31 7.56 -8.62
N PRO A 188 -3.25 8.71 -7.99
CA PRO A 188 -2.15 9.16 -7.13
C PRO A 188 -1.95 8.46 -5.78
N TYR A 189 -2.99 7.97 -5.13
CA TYR A 189 -2.89 7.32 -3.84
C TYR A 189 -3.14 5.85 -3.95
N ARG A 190 -2.10 5.07 -3.74
CA ARG A 190 -2.07 3.61 -3.83
C ARG A 190 -1.43 3.01 -2.61
N GLY A 191 -2.28 2.63 -1.68
CA GLY A 191 -1.87 2.28 -0.37
C GLY A 191 -2.27 1.00 0.26
N ILE A 192 -1.64 0.78 1.38
CA ILE A 192 -1.90 -0.28 2.30
C ILE A 192 -2.01 0.32 3.67
N LEU A 193 -3.02 -0.07 4.41
CA LEU A 193 -3.15 0.31 5.78
C LEU A 193 -2.63 -0.81 6.70
N LEU A 194 -1.72 -0.48 7.57
CA LEU A 194 -1.21 -1.44 8.52
C LEU A 194 -1.52 -1.07 9.95
N ASP A 195 -2.20 -1.95 10.63
CA ASP A 195 -2.58 -1.71 11.98
C ASP A 195 -1.54 -2.30 12.92
N THR A 196 -0.81 -1.42 13.56
CA THR A 196 0.24 -1.88 14.42
C THR A 196 -0.07 -1.76 15.90
N ALA A 197 -1.32 -1.61 16.24
CA ALA A 197 -1.76 -1.40 17.61
C ALA A 197 -2.51 -2.60 18.19
N ARG A 198 -3.26 -3.25 17.36
CA ARG A 198 -3.93 -4.48 17.67
C ARG A 198 -2.99 -5.65 17.88
N ASN A 199 -1.87 -5.62 17.21
CA ASN A 199 -0.74 -6.49 17.40
C ASN A 199 0.49 -5.75 16.89
N TYR A 200 1.63 -6.00 17.49
CA TYR A 200 2.88 -5.40 17.10
C TYR A 200 3.50 -6.03 15.83
N TYR A 201 4.14 -5.21 15.04
CA TYR A 201 4.86 -5.65 13.88
C TYR A 201 6.29 -5.20 13.98
N SER A 202 7.19 -6.12 13.78
CA SER A 202 8.58 -5.80 13.89
C SER A 202 8.95 -4.77 12.86
N ILE A 203 9.88 -3.90 13.14
CA ILE A 203 10.23 -2.98 12.11
C ILE A 203 10.83 -3.61 10.84
N GLU A 204 11.46 -4.77 10.96
CA GLU A 204 11.99 -5.48 9.82
C GLU A 204 10.84 -5.89 8.89
N SER A 205 9.76 -6.34 9.48
CA SER A 205 8.57 -6.73 8.77
C SER A 205 7.93 -5.52 8.04
N ILE A 206 7.97 -4.36 8.64
CA ILE A 206 7.47 -3.17 8.01
C ILE A 206 8.25 -2.79 6.78
N LYS A 207 9.55 -2.83 6.87
CA LYS A 207 10.43 -2.56 5.77
C LYS A 207 10.25 -3.57 4.62
N ARG A 208 10.07 -4.83 4.94
CA ARG A 208 9.83 -5.87 3.98
C ARG A 208 8.55 -5.60 3.18
N THR A 209 7.53 -5.13 3.84
CA THR A 209 6.30 -4.74 3.24
C THR A 209 6.52 -3.59 2.26
N ILE A 210 7.29 -2.61 2.64
CA ILE A 210 7.62 -1.51 1.78
C ILE A 210 8.35 -1.97 0.52
N GLU A 211 9.23 -2.92 0.62
CA GLU A 211 9.92 -3.47 -0.54
C GLU A 211 8.96 -4.11 -1.53
N ALA A 212 8.05 -4.90 -1.03
CA ALA A 212 7.02 -5.51 -1.85
C ALA A 212 6.07 -4.48 -2.48
N MET A 213 5.78 -3.43 -1.75
CA MET A 213 4.96 -2.37 -2.24
C MET A 213 5.64 -1.72 -3.41
N ALA A 214 6.91 -1.46 -3.27
CA ALA A 214 7.71 -0.82 -4.31
C ALA A 214 7.75 -1.66 -5.58
N ALA A 215 7.77 -2.96 -5.44
CA ALA A 215 7.86 -3.93 -6.50
C ALA A 215 6.72 -3.83 -7.45
N VAL A 216 5.55 -3.50 -6.94
CA VAL A 216 4.35 -3.31 -7.71
C VAL A 216 3.82 -1.85 -7.79
N LYS A 217 4.66 -0.91 -7.43
CA LYS A 217 4.38 0.51 -7.50
C LYS A 217 3.30 1.12 -6.57
N LEU A 218 2.98 0.49 -5.47
CA LEU A 218 2.16 1.08 -4.45
C LEU A 218 3.02 2.16 -3.81
N ASN A 219 2.42 3.26 -3.44
CA ASN A 219 3.13 4.45 -3.01
C ASN A 219 2.82 5.00 -1.61
N THR A 220 1.88 4.40 -0.91
CA THR A 220 1.43 4.90 0.36
C THR A 220 1.29 3.86 1.45
N PHE A 221 2.01 4.08 2.50
CA PHE A 221 1.86 3.24 3.61
C PHE A 221 1.17 3.95 4.73
N HIS A 222 -0.02 3.52 5.07
CA HIS A 222 -0.81 4.14 6.11
C HIS A 222 -0.62 3.40 7.41
N TRP A 223 0.12 4.03 8.31
CA TRP A 223 0.47 3.46 9.58
C TRP A 223 -0.50 3.88 10.69
N HIS A 224 -1.41 2.97 10.99
CA HIS A 224 -2.36 3.08 12.04
C HIS A 224 -1.67 2.58 13.28
N ILE A 225 -0.93 3.48 13.86
CA ILE A 225 -0.02 3.20 14.92
C ILE A 225 -0.57 3.20 16.33
N THR A 226 -1.81 3.58 16.54
CA THR A 226 -2.48 3.58 17.84
C THR A 226 -3.90 3.11 17.80
N ASP A 227 -4.32 2.54 18.90
CA ASP A 227 -5.67 2.12 19.12
C ASP A 227 -5.87 1.91 20.60
N SER A 228 -7.01 1.38 20.97
CA SER A 228 -7.35 1.11 22.35
C SER A 228 -6.47 0.05 23.03
N GLN A 229 -6.08 -0.94 22.24
CA GLN A 229 -5.23 -2.05 22.63
C GLN A 229 -3.78 -1.74 23.04
N SER A 230 -3.15 -0.79 22.38
CA SER A 230 -1.78 -0.40 22.67
C SER A 230 -1.36 0.96 22.12
N PHE A 231 -0.30 1.52 22.67
CA PHE A 231 0.30 2.76 22.20
C PHE A 231 1.80 2.52 22.03
N PRO A 232 2.19 1.97 20.89
CA PRO A 232 3.59 1.72 20.54
C PRO A 232 4.43 2.93 20.17
N PHE A 233 3.82 3.99 19.71
CA PHE A 233 4.55 5.16 19.26
C PHE A 233 5.30 5.85 20.40
N VAL A 234 6.56 6.09 20.18
CA VAL A 234 7.37 6.70 21.22
C VAL A 234 7.24 8.20 21.12
N THR A 235 6.43 8.74 22.00
CA THR A 235 6.23 10.16 22.09
C THR A 235 7.09 10.72 23.21
N THR A 236 8.11 11.46 22.85
CA THR A 236 9.06 12.04 23.77
C THR A 236 8.41 13.02 24.75
N LYS A 237 7.51 13.82 24.25
CA LYS A 237 6.76 14.76 25.02
C LYS A 237 5.80 14.20 26.04
N ARG A 238 5.16 13.09 25.75
CA ARG A 238 4.24 12.49 26.67
C ARG A 238 4.58 11.02 26.83
N PRO A 239 5.70 10.74 27.44
CA PRO A 239 6.27 9.39 27.50
C PRO A 239 5.47 8.33 28.22
N ASN A 240 4.64 8.70 29.16
CA ASN A 240 3.85 7.71 29.83
C ASN A 240 2.87 6.97 28.87
N LEU A 241 2.46 7.61 27.79
CA LEU A 241 1.52 7.00 26.92
C LEU A 241 2.10 5.75 26.37
N TYR A 242 3.30 5.80 25.85
CA TYR A 242 3.99 4.58 25.42
C TYR A 242 4.40 3.64 26.54
N LYS A 243 4.86 4.23 27.66
CA LYS A 243 5.31 3.43 28.75
C LYS A 243 4.22 2.62 29.33
N PHE A 244 3.09 3.20 29.63
CA PHE A 244 1.93 2.45 30.01
C PHE A 244 1.26 1.66 28.87
N GLY A 245 1.26 2.26 27.69
CA GLY A 245 0.61 1.78 26.49
C GLY A 245 1.10 0.56 25.75
N ALA A 246 2.40 0.39 25.71
CA ALA A 246 3.00 -0.66 24.93
C ALA A 246 2.71 -2.04 25.44
N LEU A 247 2.69 -2.99 24.53
CA LEU A 247 2.53 -4.38 24.83
C LEU A 247 3.69 -4.85 25.67
N SER A 248 4.85 -4.29 25.44
CA SER A 248 6.05 -4.53 26.20
C SER A 248 7.02 -3.44 25.87
N PRO A 249 8.09 -3.34 26.62
CA PRO A 249 9.07 -2.30 26.42
C PRO A 249 9.75 -2.41 25.08
N GLN A 250 9.94 -3.61 24.61
CA GLN A 250 10.42 -3.95 23.29
C GLN A 250 9.47 -3.63 22.13
N LYS A 251 8.18 -3.75 22.36
CA LYS A 251 7.21 -3.55 21.31
C LYS A 251 6.78 -2.09 21.19
N VAL A 252 7.68 -1.30 20.67
CA VAL A 252 7.57 0.11 20.62
C VAL A 252 8.18 0.58 19.32
N TYR A 253 7.81 1.75 18.84
CA TYR A 253 8.44 2.33 17.69
C TYR A 253 9.15 3.63 18.12
N THR A 254 10.46 3.59 18.20
CA THR A 254 11.30 4.66 18.63
C THR A 254 11.42 5.71 17.55
N LYS A 255 11.90 6.87 17.88
CA LYS A 255 12.09 7.90 16.90
C LYS A 255 13.08 7.43 15.86
N ALA A 256 14.13 6.78 16.28
CA ALA A 256 15.10 6.27 15.33
C ALA A 256 14.52 5.21 14.37
N ALA A 257 13.66 4.34 14.85
CA ALA A 257 13.02 3.36 14.01
C ALA A 257 12.07 3.97 12.96
N ILE A 258 11.26 4.91 13.37
CA ILE A 258 10.36 5.55 12.47
C ILE A 258 11.12 6.28 11.37
N ARG A 259 12.19 6.96 11.71
CA ARG A 259 13.01 7.66 10.75
C ARG A 259 13.62 6.70 9.74
N GLU A 260 14.02 5.53 10.22
CA GLU A 260 14.52 4.47 9.39
C GLU A 260 13.46 3.99 8.41
N VAL A 261 12.26 3.76 8.86
CA VAL A 261 11.15 3.37 8.02
C VAL A 261 10.74 4.48 7.02
N VAL A 262 10.71 5.72 7.48
CA VAL A 262 10.35 6.82 6.63
C VAL A 262 11.36 7.01 5.50
N ARG A 263 12.65 6.99 5.76
CA ARG A 263 13.67 7.02 4.73
C ARG A 263 13.66 5.80 3.78
N PHE A 264 13.52 4.61 4.32
CA PHE A 264 13.47 3.41 3.53
C PHE A 264 12.30 3.55 2.57
N GLY A 265 11.22 4.12 3.08
CA GLY A 265 10.09 4.43 2.27
C GLY A 265 10.30 5.45 1.19
N LEU A 266 10.92 6.58 1.52
CA LEU A 266 11.20 7.63 0.56
C LEU A 266 12.10 7.12 -0.54
N GLU A 267 13.08 6.31 -0.21
CA GLU A 267 13.94 5.75 -1.22
C GLU A 267 13.18 4.90 -2.24
N ARG A 268 12.05 4.37 -1.85
CA ARG A 268 11.30 3.43 -2.62
C ARG A 268 9.99 3.97 -3.15
N GLY A 269 9.87 5.26 -3.17
CA GLY A 269 8.68 5.90 -3.64
C GLY A 269 7.41 5.73 -2.83
N VAL A 270 7.56 5.50 -1.53
CA VAL A 270 6.45 5.28 -0.63
C VAL A 270 6.36 6.29 0.51
N ARG A 271 5.22 6.95 0.51
CA ARG A 271 4.80 7.87 1.53
C ARG A 271 4.42 7.10 2.78
N VAL A 272 5.01 7.46 3.90
CA VAL A 272 4.61 6.91 5.17
C VAL A 272 3.69 7.85 5.93
N LEU A 273 2.44 7.54 5.90
CA LEU A 273 1.39 8.36 6.43
C LEU A 273 0.84 7.85 7.74
N PRO A 274 1.09 8.59 8.81
CA PRO A 274 0.65 8.18 10.13
C PRO A 274 -0.77 8.53 10.46
N GLU A 275 -1.37 7.75 11.32
CA GLU A 275 -2.69 8.00 11.82
C GLU A 275 -2.72 8.09 13.31
N PHE A 276 -3.37 9.11 13.85
CA PHE A 276 -3.72 9.10 15.23
C PHE A 276 -5.20 9.07 15.30
N ASP A 277 -5.76 7.91 15.61
CA ASP A 277 -7.18 7.74 15.61
C ASP A 277 -7.85 8.43 16.83
N ALA A 278 -8.78 9.34 16.60
CA ALA A 278 -9.49 9.97 17.70
C ALA A 278 -10.86 10.38 17.26
N PRO A 279 -11.82 10.58 18.16
CA PRO A 279 -11.69 10.46 19.61
C PRO A 279 -11.98 9.08 20.17
N ALA A 280 -12.46 8.17 19.38
CA ALA A 280 -12.62 6.80 19.76
C ALA A 280 -11.30 6.05 19.55
N HIS A 281 -11.27 4.76 19.84
CA HIS A 281 -10.08 3.96 19.68
C HIS A 281 -8.84 4.38 20.47
N VAL A 282 -9.06 4.69 21.72
CA VAL A 282 -8.04 5.05 22.68
C VAL A 282 -8.30 4.25 23.94
N GLY A 283 -7.26 3.92 24.67
CA GLY A 283 -7.36 3.12 25.86
C GLY A 283 -6.04 3.10 26.57
N GLU A 284 -5.31 2.01 26.27
CA GLU A 284 -4.04 1.78 26.85
C GLU A 284 -3.11 2.94 26.63
N GLY A 285 -2.44 3.31 27.69
CA GLY A 285 -1.52 4.40 27.69
C GLY A 285 -2.08 5.62 28.33
N TRP A 286 -3.39 5.76 28.35
CA TRP A 286 -4.07 6.91 28.92
C TRP A 286 -4.41 6.85 30.44
N GLN A 287 -4.06 5.76 31.07
CA GLN A 287 -4.33 5.53 32.45
C GLN A 287 -3.70 6.60 33.33
N ASP A 288 -4.47 7.05 34.29
CA ASP A 288 -4.07 8.08 35.24
C ASP A 288 -4.10 9.50 34.65
N THR A 289 -4.59 9.67 33.45
CA THR A 289 -4.65 11.01 32.94
C THR A 289 -5.95 11.61 33.24
N ASP A 290 -6.93 10.75 33.40
CA ASP A 290 -8.30 11.16 33.48
C ASP A 290 -8.82 11.79 32.18
N LEU A 291 -8.20 11.51 31.05
CA LEU A 291 -8.59 12.06 29.77
C LEU A 291 -9.45 11.13 28.89
N THR A 292 -9.74 9.94 29.38
CA THR A 292 -10.56 8.99 28.66
C THR A 292 -11.73 8.61 29.50
N VAL A 293 -12.73 8.06 28.85
CA VAL A 293 -13.87 7.49 29.49
C VAL A 293 -14.11 6.10 28.94
N CYS A 294 -14.71 5.25 29.73
CA CYS A 294 -15.08 3.93 29.35
C CYS A 294 -13.98 2.99 29.00
N PHE A 295 -12.75 3.21 29.41
CA PHE A 295 -11.72 2.27 29.09
C PHE A 295 -12.11 0.95 29.74
N LYS A 296 -12.14 -0.12 28.98
CA LYS A 296 -12.48 -1.43 29.52
C LYS A 296 -13.87 -1.50 30.10
N ALA A 297 -14.74 -0.65 29.66
CA ALA A 297 -16.09 -0.67 30.14
C ALA A 297 -16.76 -1.98 29.81
N GLU A 298 -17.47 -2.53 30.78
CA GLU A 298 -18.17 -3.78 30.64
C GLU A 298 -19.65 -3.62 30.97
N PRO A 299 -20.54 -4.30 30.27
CA PRO A 299 -20.22 -5.10 29.09
C PRO A 299 -19.87 -4.28 27.88
N TRP A 300 -18.87 -4.71 27.13
CA TRP A 300 -18.37 -4.02 26.00
C TRP A 300 -19.34 -3.80 24.86
N LYS A 301 -20.24 -4.72 24.64
CA LYS A 301 -21.22 -4.56 23.61
C LYS A 301 -22.11 -3.37 23.84
N SER A 302 -22.28 -2.96 25.08
CA SER A 302 -23.05 -1.77 25.36
C SER A 302 -22.43 -0.45 24.97
N TYR A 303 -21.12 -0.40 24.99
CA TYR A 303 -20.38 0.81 24.80
C TYR A 303 -19.46 0.90 23.59
N CYS A 304 -19.10 -0.20 22.98
CA CYS A 304 -18.31 -0.18 21.74
C CYS A 304 -18.47 -1.44 20.87
N VAL A 305 -17.83 -1.46 19.73
CA VAL A 305 -17.93 -2.58 18.84
C VAL A 305 -16.80 -3.58 18.85
N GLU A 306 -15.77 -3.32 19.64
CA GLU A 306 -14.79 -4.32 19.98
C GLU A 306 -14.08 -3.98 21.28
N PRO A 307 -13.74 -4.97 22.07
CA PRO A 307 -13.03 -4.72 23.31
C PRO A 307 -11.59 -4.47 23.04
N PRO A 308 -10.99 -3.57 23.77
CA PRO A 308 -11.66 -2.85 24.83
C PRO A 308 -12.21 -1.51 24.40
N CYS A 309 -13.24 -1.05 25.08
CA CYS A 309 -13.82 0.23 24.85
C CYS A 309 -12.90 1.30 25.39
N GLY A 310 -13.15 2.54 24.99
CA GLY A 310 -12.44 3.71 25.42
C GLY A 310 -12.48 4.87 24.43
N GLN A 311 -12.80 6.05 24.91
CA GLN A 311 -12.88 7.24 24.09
C GLN A 311 -12.23 8.41 24.79
N LEU A 312 -11.77 9.38 24.06
CA LEU A 312 -11.27 10.60 24.63
C LEU A 312 -12.41 11.43 25.27
N ASN A 313 -12.13 12.16 26.34
CA ASN A 313 -13.09 13.07 26.92
C ASN A 313 -12.78 14.44 26.37
N PRO A 314 -13.55 14.87 25.41
CA PRO A 314 -13.36 16.16 24.74
C PRO A 314 -13.56 17.39 25.62
N THR A 315 -14.23 17.26 26.75
CA THR A 315 -14.46 18.37 27.66
C THR A 315 -13.27 18.81 28.45
N LYS A 316 -12.21 18.02 28.45
CA LYS A 316 -11.06 18.32 29.24
C LYS A 316 -10.11 19.13 28.45
N ASP A 317 -9.78 20.28 28.97
CA ASP A 317 -8.89 21.15 28.27
C ASP A 317 -7.46 20.65 28.05
N GLU A 318 -6.95 19.92 29.01
CA GLU A 318 -5.61 19.40 28.98
C GLU A 318 -5.46 18.43 27.83
N LEU A 319 -6.57 17.87 27.37
CA LEU A 319 -6.52 16.90 26.30
C LEU A 319 -5.84 17.47 25.09
N TYR A 320 -6.17 18.68 24.72
CA TYR A 320 -5.60 19.32 23.56
C TYR A 320 -4.11 19.57 23.70
N GLN A 321 -3.63 19.73 24.90
CA GLN A 321 -2.22 19.81 25.16
C GLN A 321 -1.50 18.48 24.86
N TYR A 322 -2.10 17.39 25.27
CA TYR A 322 -1.57 16.07 24.95
C TYR A 322 -1.55 15.78 23.43
N LEU A 323 -2.65 16.10 22.76
CA LEU A 323 -2.78 15.89 21.33
C LEU A 323 -1.79 16.72 20.57
N GLU A 324 -1.63 17.96 20.99
CA GLU A 324 -0.71 18.85 20.37
C GLU A 324 0.67 18.26 20.47
N ASP A 325 1.03 17.75 21.63
CA ASP A 325 2.31 17.09 21.79
C ASP A 325 2.43 15.82 20.96
N ILE A 326 1.41 14.99 20.94
CA ILE A 326 1.49 13.79 20.16
C ILE A 326 1.66 14.10 18.67
N TYR A 327 0.86 15.03 18.17
CA TYR A 327 0.91 15.41 16.79
C TYR A 327 2.24 15.97 16.42
N SER A 328 2.84 16.76 17.30
CA SER A 328 4.15 17.30 17.08
C SER A 328 5.22 16.29 17.03
N ASP A 329 5.19 15.33 17.94
CA ASP A 329 6.12 14.25 17.93
C ASP A 329 5.96 13.43 16.62
N MET A 330 4.75 13.14 16.20
CA MET A 330 4.55 12.47 14.92
C MET A 330 5.09 13.27 13.77
N ALA A 331 4.84 14.55 13.78
CA ALA A 331 5.26 15.38 12.69
C ALA A 331 6.77 15.39 12.54
N GLU A 332 7.48 15.38 13.63
CA GLU A 332 8.90 15.36 13.60
C GLU A 332 9.52 14.14 12.90
N VAL A 333 9.05 12.94 13.17
CA VAL A 333 9.63 11.77 12.54
C VAL A 333 8.96 11.34 11.21
N PHE A 334 7.67 11.58 11.09
CA PHE A 334 6.97 11.37 9.83
C PHE A 334 7.06 12.66 9.00
N ASP A 335 8.26 12.97 8.52
CA ASP A 335 8.54 14.22 7.83
C ASP A 335 8.50 14.18 6.32
N THR A 336 8.06 13.09 5.74
CA THR A 336 7.79 13.03 4.33
C THR A 336 6.32 13.13 4.00
N THR A 337 5.46 12.92 4.95
CA THR A 337 4.07 12.97 4.65
C THR A 337 3.53 14.34 4.36
N ASP A 338 2.64 14.37 3.39
CA ASP A 338 1.91 15.53 2.97
C ASP A 338 0.50 15.52 3.51
N ILE A 339 0.10 14.43 4.14
CA ILE A 339 -1.23 14.24 4.66
C ILE A 339 -1.30 13.67 6.10
N PHE A 340 -2.33 13.97 6.85
CA PHE A 340 -2.47 13.43 8.14
C PHE A 340 -3.80 12.75 8.25
N HIS A 341 -3.81 11.55 8.82
CA HIS A 341 -5.01 10.80 9.05
C HIS A 341 -5.43 10.93 10.52
N MET A 342 -6.64 11.39 10.73
CA MET A 342 -7.15 11.64 12.05
C MET A 342 -8.19 10.68 12.56
N GLY A 343 -8.40 9.60 11.84
CA GLY A 343 -9.32 8.59 12.28
C GLY A 343 -10.76 8.90 12.07
N GLY A 344 -11.47 9.30 13.10
CA GLY A 344 -12.88 9.58 13.06
C GLY A 344 -13.86 8.44 12.88
N ASP A 345 -13.51 7.27 13.33
CA ASP A 345 -14.35 6.15 13.13
C ASP A 345 -15.05 5.76 14.39
N GLU A 346 -16.29 5.31 14.27
CA GLU A 346 -17.03 4.65 15.32
C GLU A 346 -17.15 5.32 16.68
N VAL A 347 -17.45 6.60 16.74
CA VAL A 347 -17.60 7.24 18.00
C VAL A 347 -18.85 6.76 18.70
N SER A 348 -18.73 6.39 19.96
CA SER A 348 -19.84 5.86 20.70
C SER A 348 -20.57 6.86 21.57
N GLU A 349 -21.85 7.00 21.31
CA GLU A 349 -22.72 7.90 22.03
C GLU A 349 -22.99 7.50 23.46
N ALA A 350 -23.18 6.21 23.66
CA ALA A 350 -23.42 5.69 24.98
C ALA A 350 -22.25 5.95 25.88
N CYS A 351 -21.08 5.74 25.33
CA CYS A 351 -19.90 5.89 26.07
C CYS A 351 -19.73 7.30 26.51
N TRP A 352 -19.99 8.26 25.65
CA TRP A 352 -19.96 9.67 26.06
C TRP A 352 -21.07 10.05 27.09
N ASN A 353 -22.27 9.55 26.88
CA ASN A 353 -23.37 9.78 27.82
C ASN A 353 -23.19 9.16 29.21
N SER A 354 -22.36 8.14 29.35
CA SER A 354 -22.12 7.55 30.66
C SER A 354 -21.24 8.42 31.55
N SER A 355 -20.68 9.46 30.99
CA SER A 355 -19.84 10.34 31.75
C SER A 355 -20.55 11.59 32.22
N ASP A 356 -20.46 11.76 33.51
CA ASP A 356 -20.97 12.84 34.30
C ASP A 356 -20.32 14.12 33.89
N SER A 357 -19.01 14.10 33.82
CA SER A 357 -18.32 15.30 33.50
C SER A 357 -18.80 15.73 32.14
N ILE A 358 -18.96 14.78 31.26
CA ILE A 358 -19.46 15.08 29.95
C ILE A 358 -20.89 15.55 29.93
N GLN A 359 -21.80 14.89 30.65
CA GLN A 359 -23.20 15.33 30.65
C GLN A 359 -23.30 16.73 31.26
N ASN A 360 -22.49 16.98 32.27
CA ASN A 360 -22.47 18.27 32.90
C ASN A 360 -22.05 19.35 31.94
N PHE A 361 -21.11 19.02 31.06
CA PHE A 361 -20.59 19.96 30.08
C PHE A 361 -21.65 20.35 29.07
N MET A 362 -22.39 19.36 28.59
CA MET A 362 -23.47 19.57 27.63
C MET A 362 -24.67 20.35 28.16
N MET A 363 -25.04 20.10 29.40
CA MET A 363 -26.16 20.78 30.00
C MET A 363 -25.80 22.25 30.03
N GLN A 364 -24.57 22.57 30.35
CA GLN A 364 -24.14 23.96 30.36
C GLN A 364 -24.07 24.63 28.99
N ASN A 365 -24.10 23.86 27.92
CA ASN A 365 -24.04 24.47 26.59
C ASN A 365 -25.37 24.52 25.85
N ARG A 366 -26.40 24.07 26.56
CA ARG A 366 -27.79 24.08 26.09
C ARG A 366 -28.13 22.91 25.17
N TRP A 367 -27.16 22.05 24.92
CA TRP A 367 -27.37 20.87 24.08
C TRP A 367 -28.09 19.79 24.85
N ASP A 368 -28.90 19.03 24.19
CA ASP A 368 -29.61 17.97 24.84
C ASP A 368 -28.69 16.77 24.91
N LEU A 369 -29.24 15.63 25.25
CA LEU A 369 -28.50 14.42 25.36
C LEU A 369 -28.92 13.40 24.36
N ASP A 370 -29.58 13.83 23.29
CA ASP A 370 -29.92 12.93 22.21
C ASP A 370 -28.75 12.85 21.24
N LYS A 371 -28.87 11.92 20.30
CA LYS A 371 -27.81 11.62 19.37
C LYS A 371 -27.38 12.78 18.54
N GLU A 372 -28.26 13.68 18.18
CA GLU A 372 -27.82 14.81 17.43
C GLU A 372 -27.01 15.77 18.29
N SER A 373 -27.17 15.63 19.58
CA SER A 373 -26.43 16.37 20.57
C SER A 373 -24.94 16.00 20.55
N PHE A 374 -24.71 14.72 20.46
CA PHE A 374 -23.40 14.17 20.49
C PHE A 374 -22.52 14.54 19.34
N LEU A 375 -23.12 14.75 18.20
CA LEU A 375 -22.43 15.24 17.03
C LEU A 375 -21.86 16.61 17.27
N LYS A 376 -22.53 17.41 18.08
CA LYS A 376 -22.02 18.70 18.46
C LYS A 376 -20.75 18.56 19.23
N LEU A 377 -20.71 17.63 20.14
CA LEU A 377 -19.52 17.39 20.91
C LEU A 377 -18.40 16.87 20.03
N TRP A 378 -18.71 15.99 19.10
CA TRP A 378 -17.70 15.41 18.23
C TRP A 378 -17.04 16.48 17.38
N ASN A 379 -17.82 17.37 16.82
CA ASN A 379 -17.28 18.46 16.03
C ASN A 379 -16.43 19.39 16.84
N TYR A 380 -16.85 19.65 18.06
CA TYR A 380 -16.13 20.54 18.93
C TYR A 380 -14.76 19.94 19.12
N PHE A 381 -14.71 18.63 19.34
CA PHE A 381 -13.46 17.92 19.47
C PHE A 381 -12.65 17.95 18.22
N GLN A 382 -13.26 17.64 17.10
CA GLN A 382 -12.55 17.56 15.85
C GLN A 382 -11.95 18.89 15.42
N GLN A 383 -12.67 19.98 15.65
CA GLN A 383 -12.18 21.31 15.34
C GLN A 383 -10.95 21.73 16.12
N LYS A 384 -10.95 21.49 17.40
CA LYS A 384 -9.78 21.71 18.23
C LYS A 384 -8.60 20.79 17.91
N ALA A 385 -8.88 19.54 17.65
CA ALA A 385 -7.85 18.59 17.31
C ALA A 385 -7.16 19.05 16.06
N GLN A 386 -7.96 19.46 15.11
CA GLN A 386 -7.54 19.92 13.82
C GLN A 386 -6.62 21.11 13.94
N ASP A 387 -6.92 22.01 14.84
CA ASP A 387 -6.08 23.15 15.06
C ASP A 387 -4.71 22.73 15.52
N LYS A 388 -4.64 21.76 16.42
CA LYS A 388 -3.38 21.23 16.91
C LYS A 388 -2.60 20.56 15.81
N ALA A 389 -3.28 19.84 14.94
CA ALA A 389 -2.64 19.16 13.84
C ALA A 389 -1.95 20.11 12.88
N TYR A 390 -2.61 21.19 12.54
CA TYR A 390 -2.03 22.23 11.72
C TYR A 390 -0.84 22.83 12.40
N LYS A 391 -0.93 23.05 13.68
CA LYS A 391 0.18 23.59 14.42
C LYS A 391 1.38 22.66 14.42
N ALA A 392 1.15 21.37 14.61
CA ALA A 392 2.22 20.39 14.62
C ALA A 392 2.98 20.28 13.33
N PHE A 393 2.29 20.22 12.22
CA PHE A 393 2.91 20.08 10.93
C PHE A 393 3.31 21.41 10.36
N GLY A 394 2.93 22.48 11.06
CA GLY A 394 3.32 23.82 10.72
C GLY A 394 2.70 24.40 9.50
N LYS A 395 1.61 23.82 9.07
CA LYS A 395 0.92 24.22 7.89
C LYS A 395 -0.41 23.53 7.86
N LYS A 396 -1.29 23.99 7.01
CA LYS A 396 -2.56 23.36 6.82
C LYS A 396 -2.33 22.29 5.79
N LEU A 397 -2.61 21.06 6.11
CA LEU A 397 -2.43 20.01 5.17
C LEU A 397 -3.68 19.21 5.14
N PRO A 398 -3.93 18.48 4.09
CA PRO A 398 -5.14 17.73 4.01
C PRO A 398 -5.25 16.68 5.10
N LEU A 399 -6.44 16.54 5.64
CA LEU A 399 -6.71 15.59 6.69
C LEU A 399 -7.67 14.54 6.24
N ILE A 400 -7.54 13.32 6.74
CA ILE A 400 -8.39 12.20 6.39
C ILE A 400 -9.19 11.70 7.58
N LEU A 401 -10.43 11.41 7.34
CA LEU A 401 -11.33 10.82 8.29
C LEU A 401 -12.04 9.68 7.61
N TRP A 402 -12.40 8.66 8.36
CA TRP A 402 -13.19 7.56 7.85
C TRP A 402 -14.64 7.96 7.64
N THR A 403 -15.35 7.21 6.81
CA THR A 403 -16.78 7.35 6.75
C THR A 403 -17.33 6.94 8.11
N SER A 404 -18.28 7.71 8.58
CA SER A 404 -18.88 7.57 9.87
C SER A 404 -20.17 8.33 9.96
N THR A 405 -20.74 8.38 11.14
CA THR A 405 -21.92 9.17 11.43
C THR A 405 -21.68 10.65 11.23
N LEU A 406 -20.51 11.14 11.57
CA LEU A 406 -20.15 12.52 11.33
C LEU A 406 -20.08 12.87 9.87
N THR A 407 -19.57 11.95 9.08
CA THR A 407 -19.31 12.19 7.69
C THR A 407 -20.46 11.87 6.78
N ASN A 408 -21.61 11.58 7.31
CA ASN A 408 -22.77 11.31 6.50
C ASN A 408 -22.94 12.51 5.59
N TYR A 409 -23.15 12.27 4.31
CA TYR A 409 -23.16 13.33 3.31
C TYR A 409 -24.24 14.35 3.54
N LYS A 410 -25.33 13.94 4.16
CA LYS A 410 -26.42 14.81 4.45
C LYS A 410 -26.05 15.96 5.36
N HIS A 411 -25.28 15.74 6.38
CA HIS A 411 -24.89 16.84 7.21
C HIS A 411 -23.40 17.14 7.24
N ILE A 412 -22.63 16.56 6.35
CA ILE A 412 -21.20 16.68 6.43
C ILE A 412 -20.69 18.12 6.36
N ASP A 413 -21.29 18.92 5.52
CA ASP A 413 -20.89 20.29 5.36
C ASP A 413 -21.11 21.12 6.60
N ASP A 414 -21.95 20.68 7.50
CA ASP A 414 -22.10 21.34 8.77
C ASP A 414 -20.82 21.24 9.60
N TYR A 415 -20.04 20.17 9.41
CA TYR A 415 -18.83 19.91 10.14
C TYR A 415 -17.50 20.09 9.42
N LEU A 416 -17.43 19.71 8.19
CA LEU A 416 -16.17 19.72 7.50
C LEU A 416 -16.33 20.48 6.25
N ASN A 417 -15.25 20.59 5.51
CA ASN A 417 -15.29 21.05 4.17
C ASN A 417 -14.48 20.13 3.28
N LYS A 418 -14.87 20.07 2.02
CA LYS A 418 -14.26 19.24 1.02
C LYS A 418 -12.85 19.64 0.67
N ASP A 419 -12.48 20.87 0.90
CA ASP A 419 -11.10 21.27 0.72
C ASP A 419 -10.12 20.75 1.78
N ASP A 420 -10.55 20.77 3.00
CA ASP A 420 -9.73 20.38 4.12
C ASP A 420 -9.70 18.88 4.44
N TYR A 421 -10.76 18.17 4.10
CA TYR A 421 -10.91 16.80 4.47
C TYR A 421 -11.14 15.84 3.33
N ILE A 422 -10.34 14.80 3.30
CA ILE A 422 -10.46 13.64 2.44
C ILE A 422 -11.18 12.54 3.21
N ILE A 423 -12.08 11.85 2.57
CA ILE A 423 -12.83 10.83 3.22
C ILE A 423 -12.47 9.41 2.76
N GLN A 424 -12.20 8.56 3.73
CA GLN A 424 -11.83 7.20 3.48
C GLN A 424 -13.03 6.34 3.64
N VAL A 425 -13.39 5.67 2.56
CA VAL A 425 -14.57 4.87 2.50
C VAL A 425 -14.31 3.40 2.82
N TRP A 426 -14.92 2.90 3.86
CA TRP A 426 -14.89 1.48 4.23
C TRP A 426 -16.25 0.81 4.12
N THR A 427 -17.21 1.49 3.53
CA THR A 427 -18.53 0.94 3.29
C THR A 427 -18.46 0.04 2.09
N THR A 428 -19.54 -0.59 1.72
CA THR A 428 -19.60 -1.39 0.51
C THR A 428 -19.50 -0.42 -0.60
N GLY A 429 -19.11 -0.89 -1.76
CA GLY A 429 -18.82 0.00 -2.86
C GLY A 429 -20.05 0.45 -3.56
N VAL A 430 -21.15 -0.02 -3.07
CA VAL A 430 -22.40 0.20 -3.68
C VAL A 430 -23.32 1.02 -2.74
N ASP A 431 -22.79 1.41 -1.60
CA ASP A 431 -23.48 2.18 -0.61
C ASP A 431 -23.74 3.55 -1.12
N PRO A 432 -24.89 4.10 -0.77
CA PRO A 432 -25.35 5.42 -1.16
C PRO A 432 -24.47 6.56 -0.67
N GLN A 433 -23.79 6.38 0.44
CA GLN A 433 -22.96 7.40 0.97
C GLN A 433 -21.93 7.80 -0.02
N ILE A 434 -21.48 6.88 -0.86
CA ILE A 434 -20.48 7.25 -1.81
C ILE A 434 -20.85 8.29 -2.86
N LYS A 435 -21.95 8.10 -3.55
CA LYS A 435 -22.41 9.06 -4.54
C LYS A 435 -22.78 10.39 -3.94
N GLY A 436 -23.42 10.35 -2.80
CA GLY A 436 -23.80 11.53 -2.10
C GLY A 436 -22.60 12.35 -1.69
N LEU A 437 -21.53 11.70 -1.25
CA LEU A 437 -20.33 12.39 -0.92
C LEU A 437 -19.72 13.03 -2.13
N LEU A 438 -19.69 12.28 -3.22
CA LEU A 438 -19.08 12.71 -4.45
C LEU A 438 -19.81 13.91 -5.03
N GLU A 439 -21.12 13.91 -4.95
CA GLU A 439 -21.95 15.00 -5.40
C GLU A 439 -21.67 16.27 -4.62
N LYS A 440 -21.33 16.15 -3.37
CA LYS A 440 -20.94 17.29 -2.56
C LYS A 440 -19.52 17.74 -2.73
N GLY A 441 -18.79 17.17 -3.67
CA GLY A 441 -17.42 17.55 -3.94
C GLY A 441 -16.25 16.90 -3.20
N TYR A 442 -16.57 15.99 -2.31
CA TYR A 442 -15.59 15.33 -1.47
C TYR A 442 -14.64 14.38 -2.21
N ARG A 443 -13.36 14.46 -1.88
CA ARG A 443 -12.40 13.52 -2.42
C ARG A 443 -12.40 12.23 -1.61
N LEU A 444 -12.18 11.12 -2.24
CA LEU A 444 -12.26 9.88 -1.54
C LEU A 444 -11.06 8.94 -1.69
N ILE A 445 -10.85 8.10 -0.69
CA ILE A 445 -9.97 6.98 -0.77
C ILE A 445 -10.82 5.74 -0.56
N MET A 446 -10.81 4.82 -1.51
CA MET A 446 -11.60 3.63 -1.43
C MET A 446 -10.97 2.48 -0.68
N SER A 447 -11.61 2.10 0.39
CA SER A 447 -11.25 0.92 1.18
C SER A 447 -12.47 0.08 1.46
N ASN A 448 -13.30 -0.15 0.47
CA ASN A 448 -14.54 -0.79 0.74
C ASN A 448 -14.39 -2.18 1.32
N TYR A 449 -15.08 -2.43 2.40
CA TYR A 449 -14.84 -3.61 3.20
C TYR A 449 -15.11 -4.92 2.50
N ASP A 450 -16.03 -4.91 1.54
CA ASP A 450 -16.38 -6.09 0.76
C ASP A 450 -15.31 -6.57 -0.21
N ALA A 451 -14.39 -5.69 -0.55
CA ALA A 451 -13.32 -6.00 -1.46
C ALA A 451 -11.88 -5.79 -0.99
N LEU A 452 -11.74 -4.90 -0.03
CA LEU A 452 -10.47 -4.40 0.40
C LEU A 452 -10.08 -4.56 1.85
N TYR A 453 -10.84 -5.32 2.59
CA TYR A 453 -10.46 -5.66 3.93
C TYR A 453 -9.72 -7.00 3.93
N PHE A 454 -8.41 -6.92 4.04
CA PHE A 454 -7.51 -8.06 3.99
C PHE A 454 -7.56 -9.02 5.17
N ASP A 455 -8.07 -8.53 6.29
CA ASP A 455 -8.30 -9.28 7.50
C ASP A 455 -9.44 -10.28 7.50
N CYS A 456 -10.44 -10.08 6.65
CA CYS A 456 -11.65 -10.88 6.66
C CYS A 456 -11.45 -12.34 6.36
N GLY A 457 -12.34 -13.16 6.89
CA GLY A 457 -12.44 -14.58 6.61
C GLY A 457 -11.93 -15.68 7.52
N TYR A 458 -11.12 -15.30 8.47
CA TYR A 458 -10.58 -16.22 9.41
C TYR A 458 -11.55 -16.54 10.53
N GLY A 459 -11.09 -17.28 11.52
CA GLY A 459 -11.91 -17.61 12.66
C GLY A 459 -12.27 -16.41 13.53
N ALA A 460 -13.30 -16.53 14.34
CA ALA A 460 -13.69 -15.47 15.24
C ALA A 460 -12.61 -15.24 16.29
N TRP A 461 -12.40 -14.02 16.72
CA TRP A 461 -11.52 -13.72 17.84
C TRP A 461 -12.27 -13.42 19.12
N VAL A 462 -13.55 -13.17 19.02
CA VAL A 462 -14.42 -13.21 20.17
C VAL A 462 -15.47 -14.24 19.84
N GLY A 463 -15.72 -15.16 20.72
CA GLY A 463 -16.66 -16.20 20.44
C GLY A 463 -16.13 -17.22 19.46
N ALA A 464 -17.00 -17.81 18.70
CA ALA A 464 -16.63 -18.86 17.77
C ALA A 464 -17.29 -18.53 16.48
N GLY A 465 -17.01 -19.31 15.47
CA GLY A 465 -17.42 -19.01 14.13
C GLY A 465 -16.30 -18.35 13.35
N ASN A 466 -16.63 -17.29 12.65
CA ASN A 466 -15.70 -16.62 11.77
C ASN A 466 -15.69 -15.15 12.05
N ASN A 467 -14.70 -14.41 11.58
CA ASN A 467 -14.64 -12.96 11.84
C ASN A 467 -15.70 -12.09 11.14
N TRP A 468 -15.86 -10.85 11.54
CA TRP A 468 -17.05 -10.09 11.21
C TRP A 468 -17.35 -9.90 9.78
N CYS A 469 -16.32 -9.75 8.96
CA CYS A 469 -16.43 -9.42 7.57
C CYS A 469 -16.16 -10.58 6.63
N SER A 470 -16.25 -11.79 7.16
CA SER A 470 -16.04 -12.98 6.40
C SER A 470 -17.12 -13.04 5.33
N PRO A 471 -16.87 -13.67 4.19
CA PRO A 471 -15.74 -14.54 3.85
C PRO A 471 -14.39 -13.89 3.46
N TYR A 472 -13.38 -14.71 3.24
CA TYR A 472 -12.09 -14.29 2.75
C TYR A 472 -12.19 -13.71 1.36
N ILE A 473 -11.56 -12.58 1.16
CA ILE A 473 -11.61 -11.92 -0.09
C ILE A 473 -10.45 -12.34 -0.98
N GLY A 474 -10.75 -13.02 -2.06
CA GLY A 474 -9.79 -13.46 -3.02
C GLY A 474 -9.25 -12.38 -3.91
N TRP A 475 -8.12 -12.62 -4.55
CA TRP A 475 -7.54 -11.66 -5.42
C TRP A 475 -8.43 -11.31 -6.60
N GLN A 476 -9.23 -12.25 -7.06
CA GLN A 476 -10.11 -12.02 -8.17
C GLN A 476 -11.05 -10.89 -7.84
N LYS A 477 -11.59 -10.92 -6.63
CA LYS A 477 -12.42 -9.87 -6.16
C LYS A 477 -11.71 -8.56 -5.97
N VAL A 478 -10.52 -8.56 -5.43
CA VAL A 478 -9.86 -7.28 -5.32
C VAL A 478 -9.56 -6.63 -6.66
N TYR A 479 -9.16 -7.43 -7.63
CA TYR A 479 -8.83 -6.93 -8.95
C TYR A 479 -10.00 -6.30 -9.66
N ASP A 480 -11.14 -6.96 -9.62
CA ASP A 480 -12.35 -6.49 -10.26
C ASP A 480 -13.01 -5.27 -9.55
N ASN A 481 -12.59 -4.90 -8.35
CA ASN A 481 -13.23 -3.82 -7.63
C ASN A 481 -12.70 -2.54 -8.23
N SER A 482 -13.54 -1.79 -8.88
CA SER A 482 -13.13 -0.63 -9.63
C SER A 482 -13.69 0.67 -9.11
N PRO A 483 -12.81 1.56 -8.77
CA PRO A 483 -13.19 2.89 -8.29
C PRO A 483 -13.91 3.66 -9.40
N ALA A 484 -13.50 3.45 -10.65
CA ALA A 484 -14.09 4.09 -11.81
C ALA A 484 -15.50 3.68 -11.97
N VAL A 485 -15.81 2.41 -11.79
CA VAL A 485 -17.17 1.99 -11.74
C VAL A 485 -17.92 2.53 -10.56
N ILE A 486 -17.31 2.51 -9.40
CA ILE A 486 -17.96 2.98 -8.18
C ILE A 486 -18.33 4.48 -8.18
N ALA A 487 -17.47 5.28 -8.77
CA ALA A 487 -17.61 6.72 -8.80
C ALA A 487 -18.14 7.34 -10.11
N LEU A 488 -18.04 6.61 -11.21
CA LEU A 488 -18.55 7.11 -12.48
C LEU A 488 -17.94 8.45 -12.87
N GLU A 489 -18.79 9.44 -13.12
CA GLU A 489 -18.39 10.74 -13.61
C GLU A 489 -17.53 11.55 -12.66
N HIS A 490 -17.55 11.18 -11.40
CA HIS A 490 -16.85 11.88 -10.36
C HIS A 490 -15.49 11.28 -10.08
N ARG A 491 -14.99 10.51 -11.02
CA ARG A 491 -13.82 9.71 -10.84
C ARG A 491 -12.65 10.53 -10.40
N ASP A 492 -12.52 11.74 -10.88
CA ASP A 492 -11.35 12.51 -10.59
C ASP A 492 -11.21 12.85 -9.13
N GLN A 493 -12.32 12.82 -8.42
CA GLN A 493 -12.37 13.00 -7.00
C GLN A 493 -11.89 11.76 -6.23
N VAL A 494 -11.72 10.64 -6.90
CA VAL A 494 -11.22 9.47 -6.21
C VAL A 494 -9.74 9.59 -6.32
N LEU A 495 -9.14 9.80 -5.18
CA LEU A 495 -7.72 9.89 -5.03
C LEU A 495 -7.07 8.55 -5.29
N GLY A 496 -7.80 7.50 -5.01
CA GLY A 496 -7.27 6.18 -5.14
C GLY A 496 -7.84 5.19 -4.18
N GLY A 497 -7.04 4.22 -3.82
CA GLY A 497 -7.45 3.13 -2.97
C GLY A 497 -6.47 2.63 -1.96
N GLU A 498 -6.96 1.90 -0.98
CA GLU A 498 -6.13 1.32 0.03
C GLU A 498 -6.59 -0.04 0.56
N ALA A 499 -5.74 -1.04 0.53
CA ALA A 499 -6.00 -2.31 1.17
C ALA A 499 -5.82 -2.22 2.67
N ALA A 500 -6.76 -2.72 3.41
CA ALA A 500 -6.68 -2.64 4.84
C ALA A 500 -6.34 -3.93 5.55
N LEU A 501 -5.29 -3.91 6.33
CA LEU A 501 -4.97 -5.00 7.22
C LEU A 501 -5.06 -4.55 8.66
N TRP A 502 -6.23 -4.74 9.21
CA TRP A 502 -6.46 -4.59 10.61
C TRP A 502 -5.85 -5.85 11.27
N SER A 503 -5.38 -5.70 12.46
CA SER A 503 -4.53 -6.68 13.07
C SER A 503 -5.00 -7.45 14.30
N GLU A 504 -6.28 -7.51 14.48
CA GLU A 504 -6.84 -8.24 15.57
C GLU A 504 -6.35 -9.67 15.45
N GLN A 505 -6.17 -10.12 14.23
CA GLN A 505 -5.71 -11.42 13.90
C GLN A 505 -4.54 -11.44 12.97
N SER A 506 -3.67 -10.47 13.09
CA SER A 506 -2.48 -10.40 12.31
C SER A 506 -1.34 -9.70 13.06
N ASP A 507 -0.14 -10.13 12.77
CA ASP A 507 1.10 -9.60 13.29
C ASP A 507 2.28 -9.88 12.35
N THR A 508 3.46 -9.82 12.89
CA THR A 508 4.71 -9.94 12.19
C THR A 508 4.71 -11.26 11.45
N SER A 509 4.26 -12.30 12.09
CA SER A 509 4.28 -13.64 11.53
C SER A 509 3.43 -13.85 10.27
N THR A 510 2.28 -13.23 10.19
CA THR A 510 1.26 -13.38 9.14
C THR A 510 1.16 -12.27 8.11
N LEU A 511 1.93 -11.25 8.34
CA LEU A 511 1.86 -10.10 7.54
C LEU A 511 2.16 -10.35 6.02
N ASP A 512 3.14 -11.17 5.67
CA ASP A 512 3.43 -11.42 4.29
C ASP A 512 2.26 -12.09 3.57
N GLY A 513 1.67 -13.11 4.15
CA GLY A 513 0.52 -13.78 3.61
C GLY A 513 -0.76 -12.97 3.48
N ARG A 514 -1.02 -12.13 4.45
CA ARG A 514 -2.19 -11.27 4.46
C ARG A 514 -2.12 -10.29 3.28
N LEU A 515 -0.99 -9.70 3.03
CA LEU A 515 -0.83 -8.71 1.96
C LEU A 515 -0.52 -9.20 0.56
N TRP A 516 0.25 -10.26 0.42
CA TRP A 516 0.68 -10.69 -0.89
C TRP A 516 0.22 -12.09 -1.26
N PRO A 517 -0.26 -12.26 -2.48
CA PRO A 517 -0.19 -11.28 -3.54
C PRO A 517 -1.39 -10.36 -3.75
N ARG A 518 -2.33 -10.40 -2.85
CA ARG A 518 -3.57 -9.71 -3.05
C ARG A 518 -3.42 -8.22 -3.28
N ALA A 519 -2.50 -7.60 -2.59
CA ALA A 519 -2.23 -6.20 -2.70
C ALA A 519 -1.74 -5.84 -4.10
N ALA A 520 -1.13 -6.78 -4.78
CA ALA A 520 -0.75 -6.62 -6.17
C ALA A 520 -1.97 -6.44 -7.11
N ALA A 521 -3.08 -7.06 -6.80
CA ALA A 521 -4.28 -6.82 -7.57
C ALA A 521 -4.74 -5.38 -7.43
N LEU A 522 -4.68 -4.85 -6.22
CA LEU A 522 -5.00 -3.48 -5.96
C LEU A 522 -4.04 -2.63 -6.71
N ALA A 523 -2.79 -3.03 -6.70
CA ALA A 523 -1.79 -2.25 -7.35
C ALA A 523 -2.04 -2.05 -8.86
N GLU A 524 -2.41 -3.10 -9.56
CA GLU A 524 -2.79 -3.01 -10.96
C GLU A 524 -4.07 -2.26 -11.18
N ARG A 525 -5.07 -2.52 -10.37
CA ARG A 525 -6.30 -1.83 -10.53
C ARG A 525 -6.13 -0.30 -10.38
N LEU A 526 -5.38 0.14 -9.40
CA LEU A 526 -5.03 1.53 -9.23
C LEU A 526 -4.06 2.16 -10.25
N TRP A 527 -3.03 1.46 -10.62
CA TRP A 527 -2.14 1.97 -11.60
C TRP A 527 -2.73 2.12 -13.03
N ALA A 528 -3.41 1.08 -13.48
CA ALA A 528 -3.87 0.94 -14.83
C ALA A 528 -5.36 1.08 -15.10
N GLU A 529 -6.18 0.80 -14.11
CA GLU A 529 -7.62 0.78 -14.20
C GLU A 529 -8.08 -0.02 -15.40
N PRO A 530 -7.67 -1.27 -15.55
CA PRO A 530 -8.01 -1.99 -16.77
C PRO A 530 -9.48 -2.17 -16.99
N ALA A 531 -9.85 -2.07 -18.25
CA ALA A 531 -11.18 -2.32 -18.71
C ALA A 531 -11.47 -3.78 -18.56
N THR A 532 -10.41 -4.55 -18.67
CA THR A 532 -10.43 -6.00 -18.52
C THR A 532 -10.57 -6.47 -17.09
N SER A 533 -10.99 -7.70 -16.95
CA SER A 533 -11.22 -8.33 -15.68
C SER A 533 -10.10 -9.27 -15.18
N TRP A 534 -10.33 -9.93 -14.06
CA TRP A 534 -9.30 -10.73 -13.42
C TRP A 534 -8.75 -11.85 -14.29
N GLN A 535 -9.59 -12.49 -15.09
CA GLN A 535 -9.13 -13.59 -15.90
C GLN A 535 -8.10 -13.20 -16.93
N ASP A 536 -8.21 -12.01 -17.44
CA ASP A 536 -7.24 -11.45 -18.34
C ASP A 536 -5.89 -11.23 -17.69
N ALA A 537 -5.86 -10.98 -16.40
CA ALA A 537 -4.64 -10.79 -15.67
C ALA A 537 -4.11 -12.04 -14.96
N GLU A 538 -4.79 -13.14 -15.06
CA GLU A 538 -4.47 -14.28 -14.23
C GLU A 538 -3.07 -14.85 -14.36
N TYR A 539 -2.56 -15.08 -15.56
CA TYR A 539 -1.22 -15.64 -15.68
C TYR A 539 -0.15 -14.75 -15.12
N ARG A 540 -0.26 -13.45 -15.36
CA ARG A 540 0.68 -12.50 -14.84
C ARG A 540 0.66 -12.45 -13.33
N MET A 541 -0.50 -12.58 -12.74
CA MET A 541 -0.66 -12.61 -11.30
C MET A 541 0.04 -13.83 -10.72
N LEU A 542 -0.02 -14.96 -11.40
CA LEU A 542 0.71 -16.11 -10.96
C LEU A 542 2.20 -15.87 -10.96
N HIS A 543 2.70 -15.16 -11.96
CA HIS A 543 4.11 -14.86 -12.01
C HIS A 543 4.58 -13.92 -10.92
N ILE A 544 3.82 -12.86 -10.70
CA ILE A 544 4.16 -11.89 -9.68
C ILE A 544 4.19 -12.55 -8.28
N ARG A 545 3.31 -13.49 -8.03
CA ARG A 545 3.37 -14.21 -6.77
C ARG A 545 4.73 -14.88 -6.67
N GLU A 546 5.19 -15.50 -7.73
CA GLU A 546 6.47 -16.17 -7.73
C GLU A 546 7.63 -15.22 -7.44
N ARG A 547 7.53 -14.03 -7.99
CA ARG A 547 8.48 -12.98 -7.76
C ARG A 547 8.56 -12.51 -6.33
N LEU A 548 7.42 -12.35 -5.68
CA LEU A 548 7.41 -11.99 -4.30
C LEU A 548 8.12 -13.09 -3.47
N VAL A 549 7.87 -14.34 -3.77
CA VAL A 549 8.53 -15.45 -3.09
C VAL A 549 10.03 -15.39 -3.31
N ARG A 550 10.45 -15.02 -4.50
CA ARG A 550 11.86 -14.89 -4.78
C ARG A 550 12.48 -13.78 -3.92
N MET A 551 11.71 -12.73 -3.65
CA MET A 551 12.10 -11.59 -2.85
C MET A 551 12.26 -11.96 -1.37
N GLY A 552 11.81 -13.14 -0.99
CA GLY A 552 11.76 -13.50 0.39
C GLY A 552 10.46 -13.21 1.13
N ILE A 553 9.47 -12.76 0.43
CA ILE A 553 8.13 -12.54 0.95
C ILE A 553 7.39 -13.88 1.03
N GLN A 554 6.75 -14.16 2.15
CA GLN A 554 6.00 -15.38 2.31
C GLN A 554 4.58 -15.23 1.76
N ALA A 555 4.50 -15.09 0.46
CA ALA A 555 3.26 -14.86 -0.23
C ALA A 555 2.33 -16.03 -0.17
N GLU A 556 1.07 -15.74 -0.14
CA GLU A 556 0.03 -16.74 -0.19
C GLU A 556 0.19 -17.46 -1.49
N SER A 557 -0.20 -18.70 -1.50
CA SER A 557 -0.18 -19.51 -2.66
C SER A 557 -1.56 -19.44 -3.29
N LEU A 558 -1.61 -19.14 -4.57
CA LEU A 558 -2.84 -19.01 -5.29
C LEU A 558 -3.39 -20.25 -6.02
N GLN A 559 -2.55 -20.99 -6.71
CA GLN A 559 -2.93 -22.16 -7.48
C GLN A 559 -1.80 -23.16 -7.45
N PRO A 560 -2.02 -24.35 -7.94
CA PRO A 560 -0.93 -25.29 -8.07
C PRO A 560 0.07 -24.75 -9.07
N GLU A 561 1.32 -25.04 -8.81
CA GLU A 561 2.36 -24.70 -9.73
C GLU A 561 2.10 -25.39 -11.09
N TRP A 562 1.44 -26.53 -11.08
CA TRP A 562 1.14 -27.22 -12.29
C TRP A 562 0.34 -26.30 -13.19
N CYS A 563 -0.56 -25.55 -12.60
CA CYS A 563 -1.34 -24.59 -13.33
C CYS A 563 -0.53 -23.50 -13.99
N TYR A 564 0.47 -22.98 -13.32
CA TYR A 564 1.38 -21.98 -13.81
C TYR A 564 2.19 -22.49 -15.02
N GLN A 565 2.60 -23.73 -14.96
CA GLN A 565 3.30 -24.45 -15.99
C GLN A 565 2.41 -24.91 -17.13
N ASN A 566 1.11 -24.98 -16.90
CA ASN A 566 0.18 -25.47 -17.89
C ASN A 566 -1.00 -24.58 -18.09
N GLU A 567 -0.78 -23.41 -18.66
CA GLU A 567 -1.82 -22.43 -18.85
C GLU A 567 -3.01 -22.96 -19.64
N GLY A 568 -4.17 -22.70 -19.10
CA GLY A 568 -5.44 -23.07 -19.66
C GLY A 568 -6.07 -24.36 -19.21
N TYR A 569 -5.31 -25.23 -18.62
CA TYR A 569 -5.88 -26.42 -18.10
C TYR A 569 -6.72 -26.22 -16.84
N CYS A 570 -6.47 -25.17 -16.10
CA CYS A 570 -7.14 -24.98 -14.85
C CYS A 570 -8.06 -23.81 -14.94
N TYR A 571 -9.34 -24.08 -15.00
CA TYR A 571 -10.33 -23.05 -15.19
C TYR A 571 -11.66 -23.47 -14.64
N SER A 572 -12.56 -22.53 -14.48
CA SER A 572 -13.91 -22.81 -14.08
C SER A 572 -14.80 -21.64 -14.25
#